data_2DYT
#
_entry.id   2DYT
#
_cell.length_a   59.116
_cell.length_b   59.116
_cell.length_c   115.316
_cell.angle_alpha   90.00
_cell.angle_beta   90.00
_cell.angle_gamma   90.00
#
_symmetry.space_group_name_H-M   'P 41'
#
loop_
_entity.id
_entity.type
_entity.pdbx_description
1 polymer 'Autophagy-related protein 3'
2 non-polymer 'SULFATE ION'
3 water water
#
_entity_poly.entity_id   1
_entity_poly.type   'polypeptide(L)'
_entity_poly.pdbx_seq_one_letter_code
;GSMIRSTLSSWREYLTPITHKSTFLTTGQITPEEFVQAGDYLCHMFPTWKWNEESSDISYRDFLPKNKQFLIIRKVPCDK
RAEQCVEVEGPDVIMKGFAEDGDEDDVLEYIGSETEHVQSTPAGGTKDSSIDDIDELIQDMEIKEEDENDDTEEFNAKGG
LAKDMAQERYYDLYIAYSTSYRVPKMYIVGFNSNGSPLSPEQMFEDISADYRTKTATIEKLPFYKNSVLSVSIHPCKHAN
VMKILLDKVRVVRQRRRKELQEEQELDGVGDWEDLQDDIDDSLRVDQYLIVFLKFITSVTPSIQHDYTMEGW
;
_entity_poly.pdbx_strand_id   A
#
loop_
_chem_comp.id
_chem_comp.type
_chem_comp.name
_chem_comp.formula
SO4 non-polymer 'SULFATE ION' 'O4 S -2'
#
# COMPACT_ATOMS: atom_id res chain seq x y z
N THR A 23 -19.92 -3.64 -3.16
CA THR A 23 -18.61 -3.34 -3.83
C THR A 23 -17.59 -2.89 -2.78
N PHE A 24 -16.33 -2.83 -3.18
CA PHE A 24 -15.25 -2.43 -2.29
C PHE A 24 -15.34 -0.97 -1.87
N LEU A 25 -16.10 -0.17 -2.61
CA LEU A 25 -16.25 1.25 -2.30
C LEU A 25 -17.17 1.45 -1.11
N THR A 26 -18.07 0.50 -0.91
CA THR A 26 -19.00 0.56 0.20
C THR A 26 -18.35 0.07 1.50
N THR A 27 -17.69 -1.08 1.40
CA THR A 27 -17.05 -1.71 2.55
C THR A 27 -15.60 -1.36 2.77
N GLY A 28 -14.87 -1.14 1.69
CA GLY A 28 -13.46 -0.82 1.80
C GLY A 28 -12.68 -2.12 1.92
N GLN A 29 -13.39 -3.23 1.70
CA GLN A 29 -12.79 -4.55 1.78
C GLN A 29 -12.89 -5.27 0.43
N ILE A 30 -11.99 -6.22 0.19
CA ILE A 30 -11.96 -6.95 -1.08
C ILE A 30 -11.88 -8.46 -0.90
N THR A 31 -12.10 -9.18 -1.99
CA THR A 31 -12.02 -10.65 -1.98
C THR A 31 -10.66 -11.03 -2.56
N PRO A 32 -10.23 -12.28 -2.34
CA PRO A 32 -8.92 -12.66 -2.89
C PRO A 32 -8.80 -12.44 -4.40
N GLU A 33 -9.92 -12.52 -5.11
CA GLU A 33 -9.91 -12.30 -6.56
C GLU A 33 -9.64 -10.83 -6.85
N GLU A 34 -10.24 -9.96 -6.05
CA GLU A 34 -10.02 -8.53 -6.24
C GLU A 34 -8.58 -8.21 -5.83
N PHE A 35 -8.05 -8.96 -4.87
CA PHE A 35 -6.67 -8.75 -4.43
C PHE A 35 -5.75 -9.05 -5.61
N VAL A 36 -6.09 -10.10 -6.35
CA VAL A 36 -5.29 -10.48 -7.51
C VAL A 36 -5.33 -9.42 -8.61
N GLN A 37 -6.52 -8.91 -8.92
CA GLN A 37 -6.62 -7.90 -9.98
C GLN A 37 -5.78 -6.70 -9.60
N ALA A 38 -6.00 -6.20 -8.39
CA ALA A 38 -5.26 -5.05 -7.88
C ALA A 38 -3.75 -5.32 -7.92
N GLY A 39 -3.36 -6.55 -7.54
CA GLY A 39 -1.95 -6.89 -7.56
C GLY A 39 -1.41 -6.79 -8.97
N ASP A 40 -2.14 -7.39 -9.93
CA ASP A 40 -1.74 -7.36 -11.33
C ASP A 40 -1.61 -5.91 -11.81
N TYR A 41 -2.59 -5.08 -11.46
CA TYR A 41 -2.55 -3.68 -11.87
C TYR A 41 -1.31 -3.01 -11.30
N LEU A 42 -1.07 -3.23 -10.01
CA LEU A 42 0.09 -2.64 -9.37
C LEU A 42 1.40 -3.03 -10.03
N CYS A 43 1.57 -4.31 -10.37
CA CYS A 43 2.80 -4.77 -11.00
C CYS A 43 2.91 -4.29 -12.43
N HIS A 44 1.77 -4.04 -13.05
CA HIS A 44 1.75 -3.56 -14.43
C HIS A 44 2.13 -2.09 -14.49
N MET A 45 1.60 -1.29 -13.57
CA MET A 45 1.90 0.15 -13.56
C MET A 45 3.25 0.45 -12.92
N PHE A 46 3.69 -0.42 -12.01
CA PHE A 46 4.97 -0.23 -11.35
C PHE A 46 5.80 -1.50 -11.48
N PRO A 47 6.52 -1.62 -12.60
CA PRO A 47 7.36 -2.78 -12.87
C PRO A 47 8.25 -3.20 -11.71
N THR A 48 8.53 -2.28 -10.79
CA THR A 48 9.37 -2.65 -9.65
C THR A 48 8.69 -3.66 -8.71
N TRP A 49 7.36 -3.68 -8.69
CA TRP A 49 6.63 -4.62 -7.85
C TRP A 49 6.50 -5.94 -8.60
N LYS A 50 6.46 -7.03 -7.85
CA LYS A 50 6.34 -8.35 -8.45
C LYS A 50 5.60 -9.34 -7.56
N TRP A 51 4.94 -10.30 -8.19
CA TRP A 51 4.25 -11.35 -7.46
C TRP A 51 5.34 -12.32 -7.02
N ASN A 52 5.03 -13.11 -6.00
CA ASN A 52 5.96 -14.12 -5.51
C ASN A 52 6.20 -15.16 -6.60
N GLU A 53 7.38 -15.74 -6.61
CA GLU A 53 7.69 -16.83 -7.53
C GLU A 53 7.14 -18.07 -6.82
N GLU A 54 7.17 -19.22 -7.46
CA GLU A 54 6.70 -20.41 -6.77
C GLU A 54 7.94 -21.10 -6.19
N SER A 55 8.03 -21.05 -4.87
CA SER A 55 9.15 -21.63 -4.15
C SER A 55 8.65 -22.67 -3.17
N SER A 56 9.52 -23.60 -2.81
CA SER A 56 9.16 -24.65 -1.87
C SER A 56 9.09 -24.13 -0.44
N ASP A 57 9.72 -23.00 -0.18
CA ASP A 57 9.72 -22.44 1.16
C ASP A 57 8.49 -21.59 1.49
N ILE A 58 7.55 -21.51 0.53
CA ILE A 58 6.34 -20.73 0.74
C ILE A 58 5.22 -21.61 1.28
N SER A 59 4.42 -21.07 2.20
CA SER A 59 3.27 -21.78 2.75
C SER A 59 2.05 -21.30 1.95
N TYR A 60 1.65 -22.08 0.95
CA TYR A 60 0.55 -21.69 0.09
C TYR A 60 -0.84 -21.70 0.69
N ARG A 61 -1.65 -20.78 0.19
CA ARG A 61 -3.03 -20.62 0.60
C ARG A 61 -3.86 -20.98 -0.63
N ASP A 62 -4.79 -21.93 -0.46
CA ASP A 62 -5.63 -22.41 -1.56
C ASP A 62 -6.56 -21.38 -2.21
N PHE A 63 -7.00 -20.38 -1.46
CA PHE A 63 -7.90 -19.38 -2.05
C PHE A 63 -7.20 -18.36 -2.94
N LEU A 64 -5.93 -18.61 -3.24
CA LEU A 64 -5.14 -17.71 -4.09
C LEU A 64 -4.26 -18.52 -5.02
N PRO A 65 -4.14 -18.09 -6.28
CA PRO A 65 -3.28 -18.87 -7.18
C PRO A 65 -1.87 -18.98 -6.59
N LYS A 66 -1.24 -20.13 -6.80
CA LYS A 66 0.10 -20.35 -6.26
C LYS A 66 1.10 -19.25 -6.65
N ASN A 67 0.97 -18.72 -7.85
CA ASN A 67 1.89 -17.70 -8.32
C ASN A 67 1.41 -16.27 -8.07
N LYS A 68 0.42 -16.13 -7.20
CA LYS A 68 -0.10 -14.81 -6.85
C LYS A 68 -0.58 -14.76 -5.40
N GLN A 69 0.31 -15.20 -4.50
CA GLN A 69 0.03 -15.23 -3.09
C GLN A 69 0.30 -13.85 -2.45
N PHE A 70 1.47 -13.30 -2.72
CA PHE A 70 1.86 -12.02 -2.17
C PHE A 70 2.76 -11.19 -3.10
N LEU A 71 2.77 -9.89 -2.89
CA LEU A 71 3.57 -8.97 -3.70
C LEU A 71 4.83 -8.55 -2.96
N ILE A 72 5.91 -8.36 -3.70
CA ILE A 72 7.16 -8.00 -3.08
C ILE A 72 7.94 -6.97 -3.89
N ILE A 73 8.56 -6.03 -3.17
CA ILE A 73 9.41 -5.02 -3.79
C ILE A 73 10.66 -5.09 -2.92
N ARG A 74 11.80 -5.16 -3.58
CA ARG A 74 13.07 -5.32 -2.88
C ARG A 74 13.89 -4.08 -2.58
N LYS A 75 14.57 -4.14 -1.44
CA LYS A 75 15.50 -3.11 -1.01
C LYS A 75 15.15 -1.64 -1.22
N VAL A 76 13.96 -1.22 -0.80
CA VAL A 76 13.59 0.19 -0.95
C VAL A 76 14.48 0.97 0.04
N PRO A 77 15.24 1.96 -0.47
CA PRO A 77 16.12 2.75 0.41
C PRO A 77 15.39 3.65 1.40
N CYS A 78 16.03 3.81 2.56
CA CYS A 78 15.51 4.64 3.64
C CYS A 78 16.68 5.50 4.08
N ASP A 79 16.59 6.80 3.85
CA ASP A 79 17.67 7.73 4.19
C ASP A 79 17.67 8.25 5.62
N LYS A 80 16.51 8.65 6.13
CA LYS A 80 16.41 9.17 7.49
C LYS A 80 15.39 8.37 8.30
N ARG A 81 15.32 8.65 9.59
CA ARG A 81 14.38 7.97 10.47
C ARG A 81 13.04 8.69 10.40
N ALA A 82 11.98 8.02 10.85
CA ALA A 82 10.66 8.62 10.82
C ALA A 82 10.57 9.87 11.69
N GLU A 83 11.23 9.84 12.85
CA GLU A 83 11.23 10.98 13.77
C GLU A 83 11.51 12.31 13.07
N GLN A 84 12.58 12.34 12.29
CA GLN A 84 12.96 13.55 11.57
C GLN A 84 11.84 14.01 10.63
N CYS A 85 11.60 13.25 9.56
CA CYS A 85 10.55 13.57 8.59
C CYS A 85 9.43 14.43 9.18
N ILE A 131 -4.46 13.33 0.11
CA ILE A 131 -5.73 12.86 -0.43
C ILE A 131 -5.88 13.30 -1.88
N ASP A 132 -5.43 14.51 -2.15
CA ASP A 132 -5.49 15.08 -3.50
C ASP A 132 -4.37 14.47 -4.34
N ASP A 133 -3.27 14.12 -3.67
CA ASP A 133 -2.14 13.51 -4.35
C ASP A 133 -2.58 12.14 -4.88
N ILE A 134 -3.31 11.39 -4.05
CA ILE A 134 -3.80 10.07 -4.44
C ILE A 134 -4.64 10.24 -5.69
N ASP A 135 -5.65 11.09 -5.60
CA ASP A 135 -6.55 11.36 -6.73
C ASP A 135 -5.76 11.73 -7.98
N GLU A 136 -4.77 12.60 -7.83
CA GLU A 136 -3.95 13.01 -8.96
C GLU A 136 -3.20 11.80 -9.51
N LEU A 137 -2.54 11.07 -8.62
CA LEU A 137 -1.79 9.89 -8.99
C LEU A 137 -2.71 8.89 -9.70
N ILE A 138 -3.85 8.61 -9.10
CA ILE A 138 -4.81 7.67 -9.68
C ILE A 138 -5.23 8.15 -11.07
N GLN A 139 -5.54 9.43 -11.17
CA GLN A 139 -5.96 10.03 -12.44
C GLN A 139 -4.82 9.86 -13.44
N ASP A 140 -3.63 10.31 -13.04
CA ASP A 140 -2.46 10.22 -13.90
C ASP A 140 -2.23 8.80 -14.42
N MET A 141 -2.48 7.81 -13.57
CA MET A 141 -2.30 6.42 -13.95
C MET A 141 -3.37 5.97 -14.94
N GLU A 142 -4.57 6.53 -14.80
CA GLU A 142 -5.67 6.19 -15.71
C GLU A 142 -5.29 6.68 -17.10
N ILE A 143 -4.45 7.72 -17.12
CA ILE A 143 -3.95 8.31 -18.36
C ILE A 143 -2.95 7.34 -18.99
N LYS A 144 -1.95 6.93 -18.19
CA LYS A 144 -0.93 6.01 -18.67
C LYS A 144 -1.57 4.77 -19.29
N MET A 165 18.83 8.38 13.06
CA MET A 165 20.28 8.43 12.94
C MET A 165 20.72 8.68 11.49
N ALA A 166 21.97 8.35 11.20
CA ALA A 166 22.53 8.56 9.87
C ALA A 166 22.43 7.32 8.98
N GLN A 167 22.47 6.15 9.59
CA GLN A 167 22.41 4.87 8.89
C GLN A 167 21.43 4.84 7.70
N GLU A 168 21.94 4.46 6.53
CA GLU A 168 21.11 4.34 5.34
C GLU A 168 20.54 2.93 5.45
N ARG A 169 19.24 2.80 5.29
CA ARG A 169 18.62 1.49 5.41
C ARG A 169 17.90 1.07 4.14
N TYR A 170 17.61 -0.23 4.05
CA TYR A 170 16.93 -0.78 2.90
C TYR A 170 15.83 -1.72 3.38
N TYR A 171 14.61 -1.50 2.88
CA TYR A 171 13.49 -2.32 3.27
C TYR A 171 12.84 -3.15 2.15
N ASP A 172 12.56 -4.41 2.44
CA ASP A 172 11.85 -5.26 1.49
C ASP A 172 10.42 -5.05 1.94
N LEU A 173 9.50 -4.87 1.01
CA LEU A 173 8.10 -4.67 1.37
C LEU A 173 7.24 -5.77 0.76
N TYR A 174 6.45 -6.43 1.61
CA TYR A 174 5.57 -7.49 1.19
C TYR A 174 4.13 -7.10 1.37
N ILE A 175 3.30 -7.36 0.38
CA ILE A 175 1.88 -7.08 0.55
C ILE A 175 1.20 -8.40 0.47
N ALA A 176 0.48 -8.76 1.53
CA ALA A 176 -0.23 -10.02 1.58
C ALA A 176 -1.68 -9.76 1.87
N TYR A 177 -2.51 -10.78 1.67
CA TYR A 177 -3.93 -10.65 1.89
C TYR A 177 -4.29 -11.17 3.27
N SER A 178 -5.07 -10.39 3.99
CA SER A 178 -5.48 -10.78 5.33
C SER A 178 -6.92 -11.30 5.26
N THR A 179 -7.10 -12.56 5.63
CA THR A 179 -8.44 -13.18 5.60
C THR A 179 -9.35 -12.78 6.75
N SER A 180 -8.77 -12.22 7.81
CA SER A 180 -9.59 -11.80 8.95
C SER A 180 -10.27 -10.46 8.73
N TYR A 181 -9.72 -9.64 7.84
CA TYR A 181 -10.30 -8.32 7.60
C TYR A 181 -10.63 -8.07 6.15
N ARG A 182 -10.28 -9.02 5.29
CA ARG A 182 -10.52 -8.88 3.86
C ARG A 182 -9.91 -7.57 3.35
N VAL A 183 -8.68 -7.31 3.79
CA VAL A 183 -7.94 -6.14 3.35
C VAL A 183 -6.48 -6.54 3.18
N PRO A 184 -5.73 -5.75 2.41
CA PRO A 184 -4.33 -6.13 2.24
C PRO A 184 -3.60 -5.77 3.52
N LYS A 185 -2.37 -6.24 3.64
CA LYS A 185 -1.57 -6.01 4.83
C LYS A 185 -0.12 -6.01 4.36
N MET A 186 0.68 -5.05 4.86
CA MET A 186 2.08 -5.00 4.46
C MET A 186 3.03 -5.53 5.53
N TYR A 187 4.16 -6.06 5.10
CA TYR A 187 5.17 -6.54 6.02
C TYR A 187 6.48 -5.98 5.53
N ILE A 188 7.23 -5.31 6.41
CA ILE A 188 8.50 -4.75 5.98
C ILE A 188 9.63 -5.43 6.72
N VAL A 189 10.74 -5.63 6.04
CA VAL A 189 11.92 -6.26 6.63
C VAL A 189 13.08 -5.34 6.30
N GLY A 190 13.67 -4.73 7.33
CA GLY A 190 14.77 -3.81 7.11
C GLY A 190 16.15 -4.43 7.15
N PHE A 191 17.09 -3.73 6.51
CA PHE A 191 18.48 -4.16 6.44
C PHE A 191 19.37 -2.92 6.43
N ASN A 192 20.64 -3.12 6.77
CA ASN A 192 21.60 -2.02 6.72
C ASN A 192 22.38 -2.29 5.44
N SER A 193 23.19 -1.34 4.99
CA SER A 193 23.97 -1.49 3.76
C SER A 193 24.69 -2.82 3.56
N ASN A 194 25.09 -3.46 4.65
CA ASN A 194 25.79 -4.73 4.58
C ASN A 194 24.88 -5.93 4.37
N GLY A 195 23.58 -5.70 4.39
CA GLY A 195 22.64 -6.79 4.22
C GLY A 195 22.27 -7.45 5.53
N SER A 196 22.73 -6.86 6.63
CA SER A 196 22.41 -7.41 7.94
C SER A 196 21.00 -7.01 8.35
N PRO A 197 20.17 -7.99 8.70
CA PRO A 197 18.79 -7.69 9.10
C PRO A 197 18.72 -6.79 10.32
N LEU A 198 17.86 -5.78 10.23
CA LEU A 198 17.67 -4.86 11.33
C LEU A 198 16.71 -5.48 12.33
N SER A 199 16.96 -5.24 13.60
CA SER A 199 16.13 -5.78 14.67
C SER A 199 14.75 -5.12 14.65
N PRO A 200 13.76 -5.75 15.29
CA PRO A 200 12.40 -5.19 15.33
C PRO A 200 12.40 -3.78 15.89
N GLU A 201 13.15 -3.59 16.98
CA GLU A 201 13.23 -2.28 17.62
C GLU A 201 13.79 -1.22 16.69
N GLN A 202 14.77 -1.60 15.87
CA GLN A 202 15.35 -0.65 14.93
C GLN A 202 14.36 -0.23 13.86
N MET A 203 13.57 -1.19 13.37
CA MET A 203 12.59 -0.90 12.32
C MET A 203 11.49 0.04 12.80
N PHE A 204 11.12 -0.03 14.07
CA PHE A 204 10.07 0.87 14.56
C PHE A 204 10.50 2.34 14.45
N GLU A 205 11.80 2.58 14.39
CA GLU A 205 12.29 3.95 14.25
C GLU A 205 11.83 4.47 12.90
N ASP A 206 11.42 3.57 12.01
CA ASP A 206 10.98 3.98 10.69
C ASP A 206 9.46 4.03 10.57
N ILE A 207 8.78 3.72 11.68
CA ILE A 207 7.33 3.77 11.73
C ILE A 207 6.95 5.09 12.37
N SER A 208 6.16 5.90 11.67
CA SER A 208 5.74 7.19 12.19
C SER A 208 5.02 7.04 13.54
N ALA A 209 5.53 7.74 14.55
CA ALA A 209 4.98 7.70 15.90
C ALA A 209 3.45 7.78 15.95
N ASP A 210 2.86 8.51 15.00
CA ASP A 210 1.42 8.66 14.95
C ASP A 210 0.66 7.40 14.49
N TYR A 211 1.37 6.35 14.10
CA TYR A 211 0.71 5.13 13.64
C TYR A 211 1.09 3.84 14.34
N ARG A 212 2.15 3.87 15.13
CA ARG A 212 2.62 2.67 15.81
C ARG A 212 1.57 1.77 16.48
N THR A 213 1.10 2.16 17.66
CA THR A 213 0.15 1.37 18.46
C THR A 213 -1.09 0.70 17.84
N LYS A 214 -1.75 1.32 16.87
CA LYS A 214 -2.93 0.69 16.30
C LYS A 214 -2.71 0.20 14.86
N THR A 215 -1.49 0.30 14.37
CA THR A 215 -1.18 -0.09 13.01
C THR A 215 -0.04 -1.08 12.85
N ALA A 216 1.02 -0.88 13.62
CA ALA A 216 2.19 -1.74 13.50
C ALA A 216 2.50 -2.61 14.69
N THR A 217 2.97 -3.82 14.40
CA THR A 217 3.34 -4.78 15.42
C THR A 217 4.42 -5.68 14.85
N ILE A 218 5.03 -6.49 15.70
CA ILE A 218 6.07 -7.39 15.25
C ILE A 218 5.52 -8.78 14.97
N GLU A 219 5.83 -9.34 13.81
CA GLU A 219 5.36 -10.67 13.50
C GLU A 219 6.13 -11.33 12.37
N LYS A 220 6.16 -12.65 12.40
CA LYS A 220 6.86 -13.42 11.37
C LYS A 220 6.07 -13.36 10.07
N LEU A 221 6.78 -13.29 8.95
CA LEU A 221 6.11 -13.28 7.65
C LEU A 221 5.25 -14.54 7.67
N PRO A 222 3.93 -14.39 7.50
CA PRO A 222 3.03 -15.55 7.53
C PRO A 222 3.07 -16.48 6.32
N PHE A 223 3.70 -16.06 5.23
CA PHE A 223 3.73 -16.89 4.03
C PHE A 223 4.98 -17.74 3.80
N TYR A 224 5.85 -17.84 4.79
CA TYR A 224 7.05 -18.68 4.69
C TYR A 224 7.00 -19.74 5.78
N LYS A 225 7.43 -20.96 5.45
CA LYS A 225 7.42 -22.07 6.41
C LYS A 225 8.37 -21.83 7.58
N ASN A 226 9.60 -21.47 7.29
CA ASN A 226 10.58 -21.17 8.33
C ASN A 226 10.69 -19.68 8.13
N SER A 227 9.98 -18.91 8.95
CA SER A 227 9.95 -17.47 8.76
C SER A 227 10.97 -16.52 9.37
N VAL A 228 10.78 -15.26 9.02
CA VAL A 228 11.63 -14.15 9.40
C VAL A 228 10.81 -13.10 10.15
N LEU A 229 11.46 -12.31 10.99
CA LEU A 229 10.76 -11.27 11.73
C LEU A 229 10.55 -10.05 10.86
N SER A 230 9.50 -9.30 11.15
CA SER A 230 9.20 -8.12 10.37
C SER A 230 8.21 -7.29 11.13
N VAL A 231 7.99 -6.10 10.61
CA VAL A 231 7.02 -5.19 11.19
C VAL A 231 5.89 -5.21 10.19
N SER A 232 4.69 -5.51 10.66
CA SER A 232 3.55 -5.55 9.76
C SER A 232 2.76 -4.27 9.98
N ILE A 233 2.16 -3.76 8.91
CA ILE A 233 1.36 -2.54 8.93
C ILE A 233 -0.04 -2.96 8.49
N HIS A 234 -0.99 -2.82 9.41
CA HIS A 234 -2.38 -3.21 9.18
C HIS A 234 -3.23 -1.96 9.02
N PRO A 235 -4.16 -1.96 8.04
CA PRO A 235 -5.04 -0.81 7.80
C PRO A 235 -6.41 -0.90 8.43
N CYS A 236 -6.75 -2.01 9.09
CA CYS A 236 -8.09 -2.14 9.63
C CYS A 236 -8.26 -2.63 11.08
N LYS A 237 -7.30 -2.34 11.96
CA LYS A 237 -7.43 -2.79 13.34
C LYS A 237 -8.39 -1.91 14.12
N HIS A 238 -8.39 -0.63 13.79
CA HIS A 238 -9.26 0.32 14.47
C HIS A 238 -10.11 0.99 13.40
N ALA A 239 -9.64 2.11 12.88
CA ALA A 239 -10.36 2.80 11.82
C ALA A 239 -10.21 1.98 10.52
N ASN A 240 -11.29 1.83 9.77
CA ASN A 240 -11.22 1.09 8.51
C ASN A 240 -10.56 2.03 7.51
N VAL A 241 -9.24 2.18 7.60
CA VAL A 241 -8.47 3.08 6.75
C VAL A 241 -8.80 3.06 5.25
N MET A 242 -8.84 1.88 4.63
CA MET A 242 -9.16 1.83 3.22
C MET A 242 -10.50 2.51 2.92
N LYS A 243 -11.50 2.23 3.75
CA LYS A 243 -12.82 2.81 3.59
C LYS A 243 -12.79 4.34 3.68
N ILE A 244 -12.09 4.86 4.68
CA ILE A 244 -11.98 6.29 4.89
C ILE A 244 -11.32 6.97 3.70
N LEU A 245 -10.20 6.40 3.24
CA LEU A 245 -9.44 6.93 2.11
C LEU A 245 -10.22 6.90 0.79
N LEU A 246 -10.92 5.78 0.53
CA LEU A 246 -11.68 5.68 -0.70
C LEU A 246 -12.81 6.70 -0.70
N ASP A 247 -13.43 6.91 0.46
CA ASP A 247 -14.51 7.89 0.57
C ASP A 247 -13.96 9.28 0.31
N LYS A 248 -12.87 9.63 1.00
CA LYS A 248 -12.28 10.95 0.82
C LYS A 248 -11.92 11.20 -0.64
N VAL A 249 -11.47 10.15 -1.34
CA VAL A 249 -11.10 10.29 -2.74
C VAL A 249 -12.33 10.54 -3.60
N ARG A 250 -13.44 9.89 -3.26
CA ARG A 250 -14.65 10.08 -4.04
C ARG A 250 -15.25 11.45 -3.78
N VAL A 251 -15.17 11.91 -2.54
CA VAL A 251 -15.68 13.22 -2.18
C VAL A 251 -14.94 14.27 -2.97
N VAL A 252 -13.61 14.16 -3.00
CA VAL A 252 -12.78 15.09 -3.75
C VAL A 252 -13.16 15.08 -5.23
N ARG A 253 -13.35 13.89 -5.80
CA ARG A 253 -13.72 13.79 -7.20
C ARG A 253 -15.09 14.40 -7.49
N GLN A 254 -16.05 14.13 -6.62
CA GLN A 254 -17.39 14.67 -6.80
C GLN A 254 -17.32 16.20 -6.75
N ARG A 255 -16.59 16.74 -5.78
CA ARG A 255 -16.45 18.17 -5.66
C ARG A 255 -15.78 18.73 -6.90
N ARG A 256 -14.66 18.12 -7.31
CA ARG A 256 -13.94 18.58 -8.49
C ARG A 256 -14.81 18.53 -9.74
N ARG A 257 -15.63 17.49 -9.87
CA ARG A 257 -16.50 17.36 -11.02
C ARG A 257 -17.60 18.41 -11.03
N LYS A 258 -18.14 18.75 -9.86
CA LYS A 258 -19.20 19.74 -9.83
C LYS A 258 -18.60 21.14 -9.93
N GLU A 259 -17.43 21.34 -9.32
CA GLU A 259 -16.78 22.64 -9.39
C GLU A 259 -16.47 22.92 -10.86
N LEU A 260 -16.17 21.87 -11.61
CA LEU A 260 -15.86 22.01 -13.01
C LEU A 260 -17.09 22.44 -13.81
N GLN A 261 -18.22 21.79 -13.57
CA GLN A 261 -19.44 22.15 -14.29
C GLN A 261 -19.86 23.58 -13.94
N GLU A 262 -19.63 23.97 -12.69
CA GLU A 262 -19.98 25.31 -12.23
C GLU A 262 -19.12 26.36 -12.91
N GLU A 263 -17.86 26.04 -13.11
CA GLU A 263 -16.94 26.96 -13.77
C GLU A 263 -17.25 27.01 -15.27
N GLN A 264 -17.81 25.94 -15.82
CA GLN A 264 -18.15 25.92 -17.23
C GLN A 264 -19.36 26.77 -17.52
N GLU A 265 -20.29 26.82 -16.58
CA GLU A 265 -21.47 27.65 -16.74
C GLU A 265 -21.05 29.10 -16.55
N LEU A 266 -20.22 29.33 -15.53
CA LEU A 266 -19.73 30.67 -15.25
C LEU A 266 -18.99 31.27 -16.42
N ASP A 267 -18.19 30.45 -17.11
CA ASP A 267 -17.41 30.90 -18.24
C ASP A 267 -18.09 30.63 -19.59
N GLY A 268 -19.37 30.30 -19.54
CA GLY A 268 -20.11 30.03 -20.77
C GLY A 268 -19.47 29.11 -21.78
N VAL A 269 -18.79 28.07 -21.32
CA VAL A 269 -18.16 27.11 -22.20
C VAL A 269 -18.84 25.75 -22.06
N GLY A 270 -19.99 25.73 -21.38
CA GLY A 270 -20.71 24.49 -21.16
C GLY A 270 -21.33 23.88 -22.40
N ASP A 271 -21.11 24.51 -23.55
CA ASP A 271 -21.67 24.00 -24.80
C ASP A 271 -20.56 23.64 -25.78
N TRP A 272 -19.31 23.83 -25.35
CA TRP A 272 -18.15 23.54 -26.17
C TRP A 272 -17.94 22.04 -26.44
N ASP A 281 -14.26 9.62 -14.73
CA ASP A 281 -13.32 8.65 -14.18
C ASP A 281 -13.84 8.13 -12.85
N SER A 282 -14.13 6.83 -12.81
CA SER A 282 -14.63 6.20 -11.59
C SER A 282 -13.53 5.34 -10.96
N LEU A 283 -13.66 5.07 -9.67
CA LEU A 283 -12.69 4.25 -8.95
C LEU A 283 -12.96 2.78 -9.18
N ARG A 284 -11.96 2.07 -9.70
CA ARG A 284 -12.09 0.65 -9.96
C ARG A 284 -11.24 -0.12 -8.94
N VAL A 285 -11.56 -1.39 -8.75
CA VAL A 285 -10.82 -2.20 -7.78
C VAL A 285 -9.35 -2.35 -8.16
N ASP A 286 -9.04 -2.10 -9.43
CA ASP A 286 -7.67 -2.16 -9.96
C ASP A 286 -6.73 -1.22 -9.24
N GLN A 287 -7.27 -0.12 -8.76
CA GLN A 287 -6.46 0.90 -8.10
C GLN A 287 -6.49 0.83 -6.58
N TYR A 288 -6.99 -0.27 -6.05
CA TYR A 288 -7.08 -0.46 -4.61
C TYR A 288 -5.73 -0.38 -3.88
N LEU A 289 -4.74 -1.14 -4.36
CA LEU A 289 -3.44 -1.14 -3.72
C LEU A 289 -2.71 0.17 -3.82
N ILE A 290 -3.00 0.95 -4.86
CA ILE A 290 -2.35 2.24 -5.02
C ILE A 290 -2.85 3.16 -3.90
N VAL A 291 -4.11 2.99 -3.53
CA VAL A 291 -4.67 3.78 -2.44
C VAL A 291 -4.05 3.21 -1.15
N PHE A 292 -3.87 1.89 -1.12
CA PHE A 292 -3.27 1.26 0.04
C PHE A 292 -1.87 1.78 0.27
N LEU A 293 -1.10 1.97 -0.81
CA LEU A 293 0.26 2.47 -0.69
C LEU A 293 0.30 3.92 -0.20
N LYS A 294 -0.73 4.69 -0.53
CA LYS A 294 -0.77 6.07 -0.05
C LYS A 294 -0.77 5.97 1.47
N PHE A 295 -1.61 5.09 2.00
CA PHE A 295 -1.69 4.89 3.43
C PHE A 295 -0.31 4.53 3.97
N ILE A 296 0.31 3.53 3.34
CA ILE A 296 1.64 3.08 3.75
C ILE A 296 2.63 4.24 3.81
N THR A 297 2.57 5.16 2.84
CA THR A 297 3.49 6.29 2.80
C THR A 297 3.38 7.19 4.04
N SER A 298 2.17 7.31 4.59
CA SER A 298 2.00 8.12 5.78
C SER A 298 2.62 7.37 6.98
N VAL A 299 2.45 6.06 7.02
CA VAL A 299 2.96 5.23 8.11
C VAL A 299 4.49 5.12 8.15
N THR A 300 5.12 5.09 6.98
CA THR A 300 6.58 5.01 6.87
C THR A 300 7.09 6.13 5.97
N PRO A 301 7.01 7.38 6.45
CA PRO A 301 7.45 8.59 5.73
C PRO A 301 8.91 8.66 5.27
N SER A 302 9.82 7.96 5.94
CA SER A 302 11.22 8.01 5.54
C SER A 302 11.62 6.95 4.50
N ILE A 303 10.68 6.11 4.10
CA ILE A 303 10.99 5.09 3.11
C ILE A 303 10.78 5.67 1.72
N GLN A 304 11.84 5.62 0.90
CA GLN A 304 11.80 6.15 -0.45
C GLN A 304 10.58 5.65 -1.23
N HIS A 305 10.02 6.55 -2.04
CA HIS A 305 8.84 6.27 -2.85
C HIS A 305 9.14 5.56 -4.18
N ASP A 306 10.04 4.58 -4.11
CA ASP A 306 10.43 3.81 -5.28
C ASP A 306 9.33 2.83 -5.66
N TYR A 307 8.25 2.87 -4.90
CA TYR A 307 7.09 2.02 -5.16
C TYR A 307 5.91 2.88 -5.60
N THR A 308 6.20 4.14 -5.95
CA THR A 308 5.19 5.12 -6.38
C THR A 308 5.78 6.36 -7.09
S SO4 B . -1.54 -14.60 2.21
O1 SO4 B . -1.10 -13.67 1.14
O2 SO4 B . -2.99 -14.83 2.07
O3 SO4 B . -0.79 -15.87 2.09
O4 SO4 B . -1.27 -14.03 3.54
S SO4 C . -4.56 -10.43 10.81
O1 SO4 C . -3.40 -9.52 10.85
O2 SO4 C . -5.14 -10.44 9.46
O3 SO4 C . -4.13 -11.80 11.14
O4 SO4 C . -5.56 -9.98 11.78
#